data_8GZK
#
_entry.id   8GZK
#
_cell.length_a   28.708
_cell.length_b   136.379
_cell.length_c   51.133
_cell.angle_alpha   90.000
_cell.angle_beta   104.390
_cell.angle_gamma   90.000
#
_symmetry.space_group_name_H-M   'C 1 2 1'
#
loop_
_entity.id
_entity.type
_entity.pdbx_description
1 polymer '25-mer DNA'
2 non-polymer 'CADMIUM ION'
3 non-polymer 'BARIUM ION'
4 water water
#
_entity_poly.entity_id   1
_entity_poly.type   'polydeoxyribonucleotide'
_entity_poly.pdbx_seq_one_letter_code
;(DG)(DA)(DC)(DG)(DA)(DC)(DG)(DG)(DG)(DA)(DT)(DC)(DA)(DC)(DA)(DG)(DT)(DC)(DC)(DG)
(DT)(DT)(DG)(DT)(DC)
;
_entity_poly.pdbx_strand_id   A,B
#